data_6ZN1
#
_entry.id   6ZN1
#
_cell.length_a   61.010
_cell.length_b   68.771
_cell.length_c   110.868
_cell.angle_alpha   90.000
_cell.angle_beta   90.000
_cell.angle_gamma   90.000
#
_symmetry.space_group_name_H-M   'P 21 21 21'
#
loop_
_entity.id
_entity.type
_entity.pdbx_description
1 polymer 'Trehalose phosphorylase/synthase'
2 non-polymer 'THIOCYANATE ION'
3 non-polymer DI(HYDROXYETHYL)ETHER
4 non-polymer alpha-D-glucopyranose
5 non-polymer beta-L-galactopyranose
6 water water
#
_entity_poly.entity_id   1
_entity_poly.type   'polypeptide(L)'
_entity_poly.pdbx_seq_one_letter_code
;MIERYVEFVGEHEIDAIFKYAEKLKDLSILHVNSTAAGGGVAEILHRLVPLMRELGLNAEWKVIRGSQDFFTVTKSFHNA
LQTGKGEIPDEYFKIYDEWQEINAGEIPLDYDVVFIHDPQPAGLVKYRKKGTWIWRCHIDISNPHPKVWGFLRGYISKYD
GMIVSIPEFARDDLDIPQIAIPPSIDPLSPKNMPLPQTTVDRIVDKFGVDRERPIILQVSRYDRAKDPVGVIESFRLAKR
HVPDAQLVYLGSPATDDPEGEVVYRETVEAARGEKDVHLLMLPPNSHVEVNAFQRAATVVMQKSIKEGFGLTVSEALWKR
KPVIGGNTGGIRIQVINGVTGFLVDSPKAAAYYLVYLLKNKKVREEMGEAGRDHVRRNFLITQQLRRYLMAILYLTKRHA
;
_entity_poly.pdbx_strand_id   AAA
#
loop_
_chem_comp.id
_chem_comp.type
_chem_comp.name
_chem_comp.formula
GIV L-saccharide, beta linking beta-L-galactopyranose 'C6 H12 O6'
GLC D-saccharide, alpha linking alpha-D-glucopyranose 'C6 H12 O6'
PEG non-polymer DI(HYDROXYETHYL)ETHER 'C4 H10 O3'
SCN non-polymer 'THIOCYANATE ION' 'C N S -1'
#
# COMPACT_ATOMS: atom_id res chain seq x y z
N MET A 1 12.10 -15.71 14.12
CA MET A 1 11.09 -15.36 13.07
C MET A 1 11.70 -15.49 11.67
N ILE A 2 12.89 -14.92 11.43
CA ILE A 2 13.46 -14.81 10.06
C ILE A 2 13.66 -16.20 9.45
N GLU A 3 14.00 -17.22 10.25
CA GLU A 3 14.24 -18.60 9.76
C GLU A 3 12.94 -19.21 9.24
N ARG A 4 11.79 -18.74 9.74
CA ARG A 4 10.45 -19.25 9.33
C ARG A 4 10.15 -18.92 7.87
N TYR A 5 10.86 -17.97 7.24
CA TYR A 5 10.62 -17.56 5.83
C TYR A 5 11.30 -18.50 4.83
N VAL A 6 12.24 -19.34 5.25
CA VAL A 6 12.99 -20.26 4.31
C VAL A 6 11.96 -21.11 3.56
N GLU A 7 10.90 -21.56 4.23
CA GLU A 7 9.77 -22.33 3.65
C GLU A 7 9.30 -21.67 2.35
N PHE A 8 9.21 -20.33 2.34
CA PHE A 8 8.64 -19.55 1.21
C PHE A 8 9.71 -19.21 0.18
N VAL A 9 10.91 -18.82 0.62
CA VAL A 9 11.87 -18.10 -0.27
C VAL A 9 13.23 -18.83 -0.34
N GLY A 10 13.47 -19.81 0.53
CA GLY A 10 14.67 -20.65 0.49
C GLY A 10 15.80 -20.09 1.33
N GLU A 11 16.85 -20.89 1.56
CA GLU A 11 17.95 -20.57 2.49
C GLU A 11 18.86 -19.47 1.93
N HIS A 12 18.94 -19.31 0.61
CA HIS A 12 19.89 -18.37 -0.06
C HIS A 12 19.49 -16.90 0.23
N GLU A 13 18.20 -16.58 0.22
CA GLU A 13 17.72 -15.20 0.51
C GLU A 13 18.03 -14.87 1.97
N ILE A 14 17.77 -15.80 2.88
CA ILE A 14 17.90 -15.62 4.35
C ILE A 14 19.39 -15.44 4.71
N ASP A 15 20.28 -16.24 4.12
CA ASP A 15 21.74 -16.16 4.34
C ASP A 15 22.26 -14.79 3.88
N ALA A 16 21.76 -14.31 2.73
CA ALA A 16 22.11 -12.99 2.17
C ALA A 16 21.71 -11.90 3.17
N ILE A 17 20.51 -11.99 3.73
CA ILE A 17 19.96 -10.98 4.70
C ILE A 17 20.89 -10.91 5.92
N PHE A 18 21.29 -12.06 6.47
CA PHE A 18 22.22 -12.14 7.62
C PHE A 18 23.55 -11.47 7.24
N LYS A 19 24.08 -11.77 6.05
CA LYS A 19 25.39 -11.25 5.59
C LYS A 19 25.34 -9.72 5.50
N TYR A 20 24.28 -9.16 4.91
CA TYR A 20 24.09 -7.68 4.81
C TYR A 20 23.91 -7.08 6.20
N ALA A 21 23.12 -7.73 7.05
CA ALA A 21 22.81 -7.26 8.42
C ALA A 21 24.12 -7.15 9.22
N GLU A 22 24.98 -8.15 9.08
CA GLU A 22 26.34 -8.21 9.70
C GLU A 22 27.13 -6.94 9.35
N LYS A 23 27.14 -6.54 8.08
CA LYS A 23 27.89 -5.35 7.61
C LYS A 23 27.29 -4.07 8.20
N LEU A 24 26.03 -4.08 8.64
CA LEU A 24 25.30 -2.85 9.09
C LEU A 24 25.14 -2.81 10.62
N LYS A 25 25.78 -3.73 11.37
CA LYS A 25 25.55 -3.92 12.84
C LYS A 25 25.72 -2.61 13.62
N ASP A 26 26.58 -1.70 13.18
CA ASP A 26 27.01 -0.51 13.98
C ASP A 26 26.31 0.78 13.53
N LEU A 27 25.37 0.71 12.57
CA LEU A 27 24.57 1.88 12.13
C LEU A 27 23.26 1.91 12.92
N SER A 28 22.82 3.12 13.29
CA SER A 28 21.46 3.41 13.81
C SER A 28 20.57 3.81 12.62
N ILE A 29 19.32 3.35 12.60
CA ILE A 29 18.35 3.61 11.49
C ILE A 29 17.06 4.17 12.09
N LEU A 30 16.59 5.29 11.55
CA LEU A 30 15.29 5.90 11.95
C LEU A 30 14.35 5.82 10.76
N HIS A 31 13.13 5.34 10.98
CA HIS A 31 11.96 5.47 10.06
C HIS A 31 11.02 6.54 10.61
N VAL A 32 10.66 7.52 9.78
CA VAL A 32 9.64 8.55 10.13
C VAL A 32 8.49 8.47 9.13
N ASN A 33 7.25 8.36 9.61
CA ASN A 33 6.05 8.46 8.74
C ASN A 33 4.92 9.18 9.49
N SER A 34 3.70 9.13 8.95
CA SER A 34 2.54 9.99 9.30
C SER A 34 1.54 9.26 10.20
N THR A 35 1.67 7.93 10.39
CA THR A 35 0.67 7.11 11.13
C THR A 35 1.29 5.77 11.57
N ALA A 36 0.99 5.32 12.79
CA ALA A 36 1.22 3.94 13.27
C ALA A 36 -0.11 3.19 13.31
N ALA A 37 -1.22 3.91 13.05
CA ALA A 37 -2.61 3.55 13.40
C ALA A 37 -3.10 2.34 12.58
N GLY A 38 -2.57 2.13 11.37
CA GLY A 38 -2.82 0.89 10.61
C GLY A 38 -2.79 1.10 9.10
N GLY A 39 -2.73 -0.01 8.35
CA GLY A 39 -2.78 -0.07 6.87
C GLY A 39 -1.54 0.51 6.22
N GLY A 40 -1.09 -0.11 5.11
CA GLY A 40 -0.11 0.44 4.16
C GLY A 40 1.28 0.59 4.76
N VAL A 41 1.72 1.83 4.99
CA VAL A 41 3.11 2.14 5.46
C VAL A 41 3.25 1.62 6.89
N ALA A 42 2.27 1.88 7.76
CA ALA A 42 2.29 1.43 9.17
C ALA A 42 2.35 -0.09 9.20
N GLU A 43 1.53 -0.76 8.38
CA GLU A 43 1.42 -2.23 8.36
C GLU A 43 2.76 -2.85 7.95
N ILE A 44 3.45 -2.26 6.97
CA ILE A 44 4.82 -2.69 6.54
C ILE A 44 5.78 -2.51 7.73
N LEU A 45 5.88 -1.29 8.25
CA LEU A 45 6.88 -0.92 9.29
C LEU A 45 6.64 -1.71 10.59
N HIS A 46 5.39 -2.07 10.90
CA HIS A 46 5.04 -2.88 12.10
C HIS A 46 5.68 -4.29 12.02
N ARG A 47 5.92 -4.80 10.82
CA ARG A 47 6.59 -6.12 10.61
C ARG A 47 8.07 -5.88 10.30
N LEU A 48 8.41 -4.86 9.49
CA LEU A 48 9.77 -4.66 8.95
C LEU A 48 10.74 -4.19 10.05
N VAL A 49 10.35 -3.24 10.90
CA VAL A 49 11.27 -2.66 11.90
C VAL A 49 11.67 -3.72 12.93
N PRO A 50 10.73 -4.53 13.48
CA PRO A 50 11.10 -5.63 14.38
C PRO A 50 12.02 -6.69 13.73
N LEU A 51 11.87 -6.95 12.42
CA LEU A 51 12.76 -7.91 11.72
C LEU A 51 14.17 -7.32 11.69
N MET A 52 14.29 -6.03 11.40
CA MET A 52 15.58 -5.30 11.41
C MET A 52 16.20 -5.47 12.80
N ARG A 53 15.40 -5.36 13.85
CA ARG A 53 15.90 -5.47 15.25
C ARG A 53 16.33 -6.92 15.52
N GLU A 54 15.58 -7.92 15.06
CA GLU A 54 15.95 -9.36 15.20
C GLU A 54 17.32 -9.61 14.55
N LEU A 55 17.65 -8.93 13.44
CA LEU A 55 18.96 -9.06 12.75
C LEU A 55 20.07 -8.26 13.45
N GLY A 56 19.78 -7.59 14.55
CA GLY A 56 20.77 -6.89 15.38
C GLY A 56 20.97 -5.43 14.97
N LEU A 57 20.03 -4.85 14.21
CA LEU A 57 20.11 -3.44 13.77
C LEU A 57 19.40 -2.56 14.80
N ASN A 58 19.99 -1.40 15.09
CA ASN A 58 19.41 -0.38 16.00
C ASN A 58 18.40 0.45 15.20
N ALA A 59 17.26 -0.16 14.89
CA ALA A 59 16.20 0.42 14.03
C ALA A 59 15.09 0.97 14.92
N GLU A 60 14.73 2.22 14.73
CA GLU A 60 13.64 2.90 15.48
C GLU A 60 12.63 3.43 14.48
N TRP A 61 11.42 3.68 14.94
CA TRP A 61 10.32 4.21 14.11
C TRP A 61 9.57 5.27 14.92
N LYS A 62 9.49 6.47 14.37
CA LYS A 62 8.79 7.62 15.00
C LYS A 62 7.73 8.15 14.01
N VAL A 63 6.60 8.57 14.57
CA VAL A 63 5.41 9.04 13.79
C VAL A 63 5.28 10.55 14.02
N ILE A 64 5.16 11.34 12.96
CA ILE A 64 4.97 12.81 13.09
C ILE A 64 3.58 13.06 13.68
N ARG A 65 3.34 14.24 14.22
CA ARG A 65 1.97 14.64 14.64
C ARG A 65 1.57 15.88 13.83
N GLY A 66 0.27 16.15 13.77
CA GLY A 66 -0.26 17.34 13.10
C GLY A 66 -1.65 17.67 13.60
N SER A 67 -2.14 18.85 13.20
CA SER A 67 -3.54 19.30 13.33
C SER A 67 -4.36 18.70 12.18
N GLN A 68 -5.69 18.83 12.26
CA GLN A 68 -6.63 18.42 11.18
C GLN A 68 -6.29 19.21 9.92
N ASP A 69 -5.84 20.46 10.10
CA ASP A 69 -5.41 21.37 9.00
C ASP A 69 -4.13 20.83 8.33
N PHE A 70 -3.17 20.33 9.11
CA PHE A 70 -1.89 19.79 8.57
C PHE A 70 -2.22 18.66 7.60
N PHE A 71 -3.05 17.72 8.05
CA PHE A 71 -3.43 16.50 7.29
C PHE A 71 -4.33 16.89 6.12
N THR A 72 -5.10 17.97 6.24
CA THR A 72 -5.83 18.58 5.09
C THR A 72 -4.81 19.00 4.02
N VAL A 73 -3.74 19.68 4.41
CA VAL A 73 -2.68 20.18 3.47
C VAL A 73 -1.95 18.99 2.83
N THR A 74 -1.58 17.98 3.62
CA THR A 74 -0.77 16.83 3.12
C THR A 74 -1.65 15.92 2.27
N LYS A 75 -2.92 15.73 2.63
CA LYS A 75 -3.86 14.96 1.76
C LYS A 75 -4.03 15.70 0.42
N SER A 76 -4.07 17.04 0.42
CA SER A 76 -4.20 17.84 -0.82
C SER A 76 -2.92 17.71 -1.66
N PHE A 77 -1.73 17.69 -1.03
CA PHE A 77 -0.43 17.50 -1.72
C PHE A 77 -0.40 16.12 -2.38
N HIS A 78 -0.82 15.09 -1.64
CA HIS A 78 -0.93 13.68 -2.09
C HIS A 78 -1.76 13.60 -3.39
N ASN A 79 -2.99 14.11 -3.34
CA ASN A 79 -3.93 14.13 -4.49
C ASN A 79 -3.32 14.95 -5.64
N ALA A 80 -2.70 16.08 -5.34
CA ALA A 80 -2.08 16.97 -6.34
C ALA A 80 -0.90 16.26 -7.01
N LEU A 81 -0.07 15.56 -6.25
CA LEU A 81 1.09 14.83 -6.83
C LEU A 81 0.59 13.68 -7.73
N GLN A 82 -0.51 13.00 -7.37
CA GLN A 82 -0.96 11.77 -8.06
C GLN A 82 -1.82 12.13 -9.29
N THR A 83 -2.64 13.18 -9.21
CA THR A 83 -3.65 13.53 -10.26
C THR A 83 -3.13 14.69 -11.14
N GLY A 84 -2.14 15.43 -10.66
CA GLY A 84 -1.62 16.64 -11.32
C GLY A 84 -2.57 17.83 -11.22
N LYS A 85 -3.62 17.73 -10.41
CA LYS A 85 -4.75 18.69 -10.40
C LYS A 85 -4.99 19.24 -8.99
N GLY A 86 -5.64 20.41 -8.90
CA GLY A 86 -6.02 21.05 -7.64
C GLY A 86 -5.55 22.49 -7.57
N GLU A 87 -6.31 23.35 -6.90
CA GLU A 87 -5.93 24.73 -6.53
C GLU A 87 -5.20 24.67 -5.19
N ILE A 88 -3.95 25.12 -5.11
CA ILE A 88 -3.09 25.01 -3.89
C ILE A 88 -2.79 26.43 -3.39
N PRO A 89 -3.48 26.89 -2.33
CA PRO A 89 -3.21 28.19 -1.71
C PRO A 89 -1.77 28.31 -1.19
N ASP A 90 -1.22 29.52 -1.19
CA ASP A 90 0.14 29.85 -0.67
C ASP A 90 0.22 29.50 0.81
N GLU A 91 -0.91 29.52 1.53
CA GLU A 91 -0.99 29.28 2.99
C GLU A 91 -0.64 27.82 3.31
N TYR A 92 -0.99 26.88 2.42
CA TYR A 92 -0.75 25.42 2.57
C TYR A 92 0.73 25.16 2.85
N PHE A 93 1.63 25.83 2.13
CA PHE A 93 3.10 25.65 2.20
C PHE A 93 3.63 26.19 3.53
N LYS A 94 2.98 27.21 4.09
CA LYS A 94 3.35 27.81 5.39
C LYS A 94 2.95 26.84 6.51
N ILE A 95 1.71 26.33 6.48
CA ILE A 95 1.21 25.30 7.46
C ILE A 95 2.18 24.10 7.42
N TYR A 96 2.57 23.68 6.22
CA TYR A 96 3.44 22.50 6.00
C TYR A 96 4.77 22.74 6.73
N ASP A 97 5.47 23.81 6.35
CA ASP A 97 6.82 24.18 6.86
C ASP A 97 6.78 24.34 8.39
N GLU A 98 5.70 24.92 8.92
CA GLU A 98 5.57 25.17 10.38
C GLU A 98 5.52 23.83 11.12
N TRP A 99 4.82 22.84 10.59
CA TRP A 99 4.65 21.52 11.26
C TRP A 99 5.91 20.66 11.08
N GLN A 100 6.74 20.95 10.07
CA GLN A 100 8.11 20.35 9.97
C GLN A 100 8.91 20.84 11.20
N GLU A 101 8.86 22.15 11.47
CA GLU A 101 9.63 22.81 12.57
C GLU A 101 9.21 22.16 13.90
N ILE A 102 7.90 22.06 14.14
CA ILE A 102 7.31 21.52 15.40
C ILE A 102 7.81 20.08 15.58
N ASN A 103 7.68 19.24 14.55
CA ASN A 103 8.05 17.81 14.62
C ASN A 103 9.57 17.69 14.83
N ALA A 104 10.38 18.52 14.17
CA ALA A 104 11.85 18.51 14.26
C ALA A 104 12.27 18.75 15.72
N GLY A 105 11.54 19.58 16.46
CA GLY A 105 11.76 19.83 17.90
C GLY A 105 11.47 18.59 18.75
N GLU A 106 10.56 17.73 18.30
CA GLU A 106 10.01 16.60 19.10
C GLU A 106 10.53 15.24 18.60
N ILE A 107 11.32 15.20 17.51
CA ILE A 107 11.87 13.93 16.96
C ILE A 107 13.38 14.10 16.85
N PRO A 108 14.17 13.34 17.64
CA PRO A 108 15.62 13.33 17.51
C PRO A 108 15.99 12.74 16.13
N LEU A 109 16.95 13.35 15.44
CA LEU A 109 17.32 12.95 14.05
C LEU A 109 18.81 12.58 13.97
N ASP A 110 19.45 12.26 15.11
CA ASP A 110 20.87 11.79 15.16
C ASP A 110 20.93 10.29 14.92
N TYR A 111 20.77 9.89 13.66
CA TYR A 111 20.87 8.48 13.22
C TYR A 111 21.86 8.44 12.05
N ASP A 112 22.48 7.27 11.87
CA ASP A 112 23.43 7.04 10.76
C ASP A 112 22.59 7.01 9.47
N VAL A 113 21.35 6.55 9.56
CA VAL A 113 20.42 6.45 8.40
C VAL A 113 19.04 6.94 8.81
N VAL A 114 18.47 7.84 8.01
CA VAL A 114 17.10 8.35 8.24
C VAL A 114 16.30 8.03 6.98
N PHE A 115 15.27 7.20 7.12
CA PHE A 115 14.23 6.96 6.10
C PHE A 115 13.04 7.88 6.37
N ILE A 116 12.74 8.78 5.45
CA ILE A 116 11.53 9.63 5.55
C ILE A 116 10.52 9.08 4.56
N HIS A 117 9.36 8.66 5.06
CA HIS A 117 8.30 8.02 4.26
C HIS A 117 7.31 9.09 3.79
N ASP A 118 7.22 9.29 2.47
CA ASP A 118 6.12 10.03 1.81
C ASP A 118 6.26 11.54 2.05
N PRO A 119 5.41 12.38 1.45
CA PRO A 119 5.59 13.84 1.53
C PRO A 119 5.45 14.49 2.92
N GLN A 120 4.71 13.87 3.85
CA GLN A 120 4.28 14.55 5.10
C GLN A 120 5.51 15.03 5.88
N PRO A 121 6.58 14.20 6.05
CA PRO A 121 7.76 14.62 6.80
C PRO A 121 8.99 15.00 5.94
N ALA A 122 8.82 15.13 4.62
CA ALA A 122 9.92 15.37 3.66
C ALA A 122 10.73 16.60 4.07
N GLY A 123 10.06 17.61 4.67
CA GLY A 123 10.68 18.89 5.07
C GLY A 123 11.58 18.76 6.30
N LEU A 124 11.63 17.59 6.96
CA LEU A 124 12.51 17.35 8.15
C LEU A 124 13.98 17.39 7.75
N VAL A 125 14.30 17.26 6.46
CA VAL A 125 15.70 17.21 5.93
C VAL A 125 16.39 18.57 6.15
N LYS A 126 15.62 19.66 6.26
CA LYS A 126 16.10 21.01 6.67
C LYS A 126 16.90 20.90 7.97
N TYR A 127 16.47 20.03 8.89
CA TYR A 127 17.01 19.86 10.27
C TYR A 127 17.94 18.65 10.36
N ARG A 128 18.49 18.19 9.23
CA ARG A 128 19.35 16.96 9.17
C ARG A 128 20.68 17.26 9.85
N LYS A 129 21.23 16.26 10.57
CA LYS A 129 22.64 16.22 11.03
C LYS A 129 23.45 15.56 9.91
N LYS A 130 24.62 14.99 10.22
CA LYS A 130 25.51 14.32 9.24
C LYS A 130 25.29 12.80 9.33
N GLY A 131 24.17 12.33 8.78
CA GLY A 131 23.89 10.91 8.49
C GLY A 131 23.37 10.78 7.07
N THR A 132 22.99 9.58 6.65
CA THR A 132 22.46 9.29 5.29
C THR A 132 20.93 9.40 5.32
N TRP A 133 20.39 10.29 4.49
CA TRP A 133 18.93 10.55 4.40
C TRP A 133 18.37 9.94 3.11
N ILE A 134 17.31 9.14 3.25
CA ILE A 134 16.66 8.40 2.14
C ILE A 134 15.18 8.78 2.13
N TRP A 135 14.70 9.34 1.04
CA TRP A 135 13.26 9.62 0.88
C TRP A 135 12.57 8.37 0.31
N ARG A 136 11.68 7.77 1.10
CA ARG A 136 10.88 6.60 0.67
C ARG A 136 9.52 7.09 0.18
N CYS A 137 9.37 7.20 -1.13
CA CYS A 137 8.11 7.62 -1.78
C CYS A 137 7.20 6.41 -2.03
N HIS A 138 5.98 6.41 -1.48
CA HIS A 138 4.99 5.31 -1.59
C HIS A 138 3.93 5.64 -2.64
N ILE A 139 3.96 6.84 -3.22
CA ILE A 139 2.84 7.31 -4.08
C ILE A 139 3.33 7.53 -5.51
N ASP A 140 2.36 7.74 -6.42
CA ASP A 140 2.63 8.00 -7.86
C ASP A 140 3.03 9.47 -8.05
N ILE A 141 4.31 9.72 -8.38
CA ILE A 141 4.86 11.08 -8.62
C ILE A 141 5.29 11.21 -10.09
N SER A 142 4.71 10.36 -10.96
CA SER A 142 5.07 10.28 -12.40
C SER A 142 4.65 11.56 -13.13
N ASN A 143 3.54 12.18 -12.75
CA ASN A 143 2.99 13.35 -13.49
C ASN A 143 2.34 14.32 -12.51
N PRO A 144 3.15 14.96 -11.63
CA PRO A 144 2.59 15.74 -10.54
C PRO A 144 2.24 17.19 -10.90
N HIS A 145 1.36 17.77 -10.07
CA HIS A 145 1.10 19.24 -9.97
C HIS A 145 2.46 19.95 -9.90
N PRO A 146 2.80 20.84 -10.86
CA PRO A 146 4.16 21.40 -10.92
C PRO A 146 4.57 22.25 -9.71
N LYS A 147 3.62 22.94 -9.08
CA LYS A 147 3.87 23.82 -7.90
C LYS A 147 4.12 22.96 -6.65
N VAL A 148 3.29 21.95 -6.40
CA VAL A 148 3.46 21.05 -5.21
C VAL A 148 4.75 20.25 -5.40
N TRP A 149 4.98 19.69 -6.58
CA TRP A 149 6.23 18.96 -6.89
C TRP A 149 7.43 19.91 -6.83
N GLY A 150 7.35 21.08 -7.47
CA GLY A 150 8.43 22.09 -7.44
C GLY A 150 8.89 22.35 -6.01
N PHE A 151 7.94 22.57 -5.10
CA PHE A 151 8.14 22.76 -3.64
C PHE A 151 8.83 21.54 -3.04
N LEU A 152 8.23 20.36 -3.19
CA LEU A 152 8.69 19.11 -2.56
C LEU A 152 10.10 18.76 -3.06
N ARG A 153 10.37 18.92 -4.35
CA ARG A 153 11.68 18.63 -4.98
C ARG A 153 12.77 19.50 -4.34
N GLY A 154 12.42 20.68 -3.83
CA GLY A 154 13.32 21.53 -3.04
C GLY A 154 13.93 20.75 -1.88
N TYR A 155 13.09 19.99 -1.15
CA TYR A 155 13.51 19.13 -0.03
C TYR A 155 14.15 17.84 -0.54
N ILE A 156 13.54 17.18 -1.55
CA ILE A 156 14.00 15.83 -2.02
C ILE A 156 15.44 15.94 -2.55
N SER A 157 15.80 17.04 -3.22
CA SER A 157 17.14 17.23 -3.84
C SER A 157 18.25 17.23 -2.77
N LYS A 158 17.90 17.34 -1.48
CA LYS A 158 18.85 17.42 -0.34
C LYS A 158 19.09 16.06 0.30
N TYR A 159 18.34 15.02 -0.11
CA TYR A 159 18.49 13.63 0.38
C TYR A 159 19.69 12.98 -0.31
N ASP A 160 20.20 11.90 0.25
CA ASP A 160 21.32 11.12 -0.33
C ASP A 160 20.80 10.16 -1.39
N GLY A 161 19.51 9.85 -1.34
CA GLY A 161 18.87 8.86 -2.22
C GLY A 161 17.38 8.80 -1.99
N MET A 162 16.70 8.08 -2.87
CA MET A 162 15.23 8.04 -2.91
C MET A 162 14.79 6.65 -3.38
N ILE A 163 13.77 6.10 -2.72
CA ILE A 163 13.16 4.79 -3.08
C ILE A 163 11.75 5.08 -3.60
N VAL A 164 11.45 4.64 -4.81
CA VAL A 164 10.09 4.59 -5.38
C VAL A 164 9.65 3.13 -5.49
N SER A 165 8.35 2.86 -5.59
CA SER A 165 7.84 1.48 -5.61
C SER A 165 8.04 0.83 -6.98
N ILE A 166 8.02 1.62 -8.06
CA ILE A 166 8.23 1.11 -9.44
C ILE A 166 9.12 2.08 -10.20
N PRO A 167 9.89 1.62 -11.21
CA PRO A 167 10.79 2.50 -11.95
C PRO A 167 10.09 3.68 -12.64
N GLU A 168 8.82 3.51 -12.98
CA GLU A 168 8.01 4.51 -13.72
C GLU A 168 7.80 5.77 -12.88
N PHE A 169 8.03 5.71 -11.56
CA PHE A 169 7.92 6.89 -10.66
C PHE A 169 9.27 7.64 -10.53
N ALA A 170 10.35 7.12 -11.11
CA ALA A 170 11.67 7.79 -11.10
C ALA A 170 11.54 9.07 -11.92
N ARG A 171 12.17 10.16 -11.44
CA ARG A 171 12.02 11.56 -11.90
C ARG A 171 13.23 11.93 -12.75
N ASP A 172 13.01 12.53 -13.93
CA ASP A 172 14.10 13.02 -14.83
C ASP A 172 14.76 14.24 -14.20
N ASP A 173 14.06 14.95 -13.29
CA ASP A 173 14.46 16.27 -12.73
C ASP A 173 15.09 16.10 -11.34
N LEU A 174 15.58 14.90 -11.01
CA LEU A 174 16.39 14.62 -9.78
C LEU A 174 17.70 13.95 -10.18
N ASP A 175 18.78 14.27 -9.48
CA ASP A 175 20.17 13.80 -9.75
C ASP A 175 20.58 12.75 -8.72
N ILE A 176 19.84 12.61 -7.63
CA ILE A 176 20.16 11.65 -6.54
C ILE A 176 19.78 10.25 -7.01
N PRO A 177 20.44 9.21 -6.48
CA PRO A 177 20.06 7.83 -6.77
C PRO A 177 18.55 7.62 -6.53
N GLN A 178 17.87 7.07 -7.54
CA GLN A 178 16.44 6.66 -7.45
C GLN A 178 16.37 5.15 -7.64
N ILE A 179 15.99 4.44 -6.58
CA ILE A 179 16.00 2.96 -6.46
C ILE A 179 14.54 2.52 -6.40
N ALA A 180 14.13 1.59 -7.28
CA ALA A 180 12.78 1.03 -7.35
C ALA A 180 12.73 -0.21 -6.46
N ILE A 181 12.09 -0.10 -5.29
CA ILE A 181 11.85 -1.26 -4.39
C ILE A 181 10.37 -1.29 -4.06
N PRO A 182 9.64 -2.34 -4.50
CA PRO A 182 8.21 -2.45 -4.21
C PRO A 182 8.04 -2.78 -2.74
N PRO A 183 6.91 -2.38 -2.15
CA PRO A 183 6.52 -2.87 -0.83
C PRO A 183 6.21 -4.37 -0.92
N SER A 184 5.82 -4.97 0.20
CA SER A 184 5.74 -6.44 0.34
C SER A 184 4.71 -6.79 1.40
N ILE A 185 4.27 -8.03 1.35
CA ILE A 185 3.40 -8.63 2.41
C ILE A 185 4.26 -9.58 3.23
N ASP A 186 3.91 -9.68 4.51
CA ASP A 186 4.49 -10.66 5.46
C ASP A 186 3.54 -11.85 5.50
N PRO A 187 3.93 -13.04 4.97
CA PRO A 187 3.02 -14.18 4.88
C PRO A 187 2.71 -14.78 6.27
N LEU A 188 3.42 -14.34 7.30
CA LEU A 188 3.19 -14.82 8.69
C LEU A 188 2.42 -13.78 9.52
N SER A 189 2.12 -12.60 8.98
CA SER A 189 1.35 -11.55 9.70
C SER A 189 -0.12 -11.95 9.82
N PRO A 190 -0.88 -11.42 10.79
CA PRO A 190 -2.30 -11.75 10.95
C PRO A 190 -3.15 -11.50 9.69
N LYS A 191 -2.71 -10.55 8.86
CA LYS A 191 -3.39 -10.20 7.59
C LYS A 191 -3.33 -11.36 6.60
N ASN A 192 -2.22 -12.09 6.59
CA ASN A 192 -1.86 -13.01 5.48
C ASN A 192 -1.77 -14.47 5.95
N MET A 193 -1.75 -14.73 7.26
CA MET A 193 -1.54 -16.11 7.78
C MET A 193 -2.69 -17.03 7.37
N PRO A 194 -2.45 -18.35 7.26
CA PRO A 194 -3.55 -19.31 7.07
C PRO A 194 -4.58 -19.16 8.19
N LEU A 195 -5.85 -19.31 7.85
CA LEU A 195 -6.97 -19.41 8.81
C LEU A 195 -7.70 -20.73 8.57
N PRO A 196 -8.25 -21.35 9.64
CA PRO A 196 -9.17 -22.47 9.48
C PRO A 196 -10.51 -21.97 8.93
N GLN A 197 -11.20 -22.81 8.16
CA GLN A 197 -12.49 -22.48 7.51
C GLN A 197 -13.49 -21.96 8.56
N THR A 198 -13.45 -22.52 9.78
CA THR A 198 -14.28 -22.10 10.94
C THR A 198 -14.17 -20.59 11.20
N THR A 199 -12.95 -20.06 11.23
CA THR A 199 -12.64 -18.62 11.47
C THR A 199 -13.22 -17.79 10.32
N VAL A 200 -12.96 -18.20 9.08
CA VAL A 200 -13.47 -17.54 7.85
C VAL A 200 -15.01 -17.49 7.93
N ASP A 201 -15.64 -18.64 8.16
CA ASP A 201 -17.12 -18.78 8.21
C ASP A 201 -17.68 -17.85 9.31
N ARG A 202 -17.08 -17.90 10.50
CA ARG A 202 -17.48 -17.07 11.67
C ARG A 202 -17.62 -15.61 11.23
N ILE A 203 -16.56 -15.05 10.64
CA ILE A 203 -16.40 -13.59 10.36
C ILE A 203 -17.32 -13.18 9.21
N VAL A 204 -17.35 -13.96 8.13
CA VAL A 204 -18.22 -13.66 6.96
C VAL A 204 -19.70 -13.64 7.43
N ASP A 205 -20.09 -14.60 8.26
CA ASP A 205 -21.48 -14.72 8.78
C ASP A 205 -21.79 -13.52 9.68
N LYS A 206 -20.88 -13.20 10.60
CA LYS A 206 -21.01 -12.05 11.54
C LYS A 206 -21.46 -10.79 10.78
N PHE A 207 -20.97 -10.56 9.56
CA PHE A 207 -21.20 -9.31 8.78
C PHE A 207 -22.37 -9.48 7.79
N GLY A 208 -23.09 -10.60 7.88
CA GLY A 208 -24.35 -10.83 7.14
C GLY A 208 -24.12 -11.02 5.66
N VAL A 209 -22.99 -11.65 5.29
CA VAL A 209 -22.67 -12.00 3.88
C VAL A 209 -22.90 -13.51 3.71
N ASP A 210 -23.56 -13.89 2.63
CA ASP A 210 -23.93 -15.30 2.33
C ASP A 210 -22.67 -16.02 1.85
N ARG A 211 -22.17 -16.95 2.67
CA ARG A 211 -20.94 -17.75 2.42
C ARG A 211 -21.16 -18.65 1.19
N GLU A 212 -22.40 -19.08 0.94
CA GLU A 212 -22.74 -20.15 -0.04
C GLU A 212 -22.85 -19.59 -1.46
N ARG A 213 -22.70 -18.28 -1.65
CA ARG A 213 -22.78 -17.62 -2.98
C ARG A 213 -21.49 -16.86 -3.27
N PRO A 214 -21.18 -16.57 -4.55
CA PRO A 214 -19.93 -15.91 -4.91
C PRO A 214 -19.82 -14.52 -4.28
N ILE A 215 -18.61 -14.17 -3.84
CA ILE A 215 -18.31 -12.84 -3.22
C ILE A 215 -17.26 -12.14 -4.10
N ILE A 216 -17.57 -10.93 -4.55
CA ILE A 216 -16.62 -9.96 -5.15
C ILE A 216 -16.18 -9.01 -4.04
N LEU A 217 -14.88 -8.88 -3.80
CA LEU A 217 -14.37 -8.09 -2.66
C LEU A 217 -13.42 -7.00 -3.17
N GLN A 218 -13.61 -5.77 -2.70
CA GLN A 218 -12.56 -4.74 -2.71
C GLN A 218 -12.29 -4.30 -1.27
N VAL A 219 -11.02 -4.42 -0.85
CA VAL A 219 -10.48 -3.87 0.42
C VAL A 219 -9.80 -2.55 0.09
N SER A 220 -10.33 -1.45 0.62
CA SER A 220 -9.88 -0.07 0.34
C SER A 220 -10.64 0.93 1.20
N ARG A 221 -10.01 2.08 1.46
CA ARG A 221 -10.65 3.30 2.01
C ARG A 221 -11.78 3.73 1.06
N TYR A 222 -12.80 4.39 1.62
CA TYR A 222 -13.82 5.16 0.85
C TYR A 222 -13.13 6.46 0.42
N ASP A 223 -12.29 6.34 -0.61
CA ASP A 223 -11.42 7.41 -1.16
C ASP A 223 -11.64 7.44 -2.67
N ARG A 224 -11.72 8.63 -3.26
CA ARG A 224 -12.02 8.77 -4.71
C ARG A 224 -10.98 8.02 -5.54
N ALA A 225 -9.73 7.92 -5.06
CA ALA A 225 -8.60 7.24 -5.76
C ALA A 225 -8.88 5.73 -5.89
N LYS A 226 -9.67 5.14 -4.98
CA LYS A 226 -10.00 3.69 -4.99
C LYS A 226 -11.30 3.46 -5.77
N ASP A 227 -12.01 4.53 -6.11
CA ASP A 227 -13.24 4.54 -6.96
C ASP A 227 -14.28 3.55 -6.46
N PRO A 228 -14.75 3.66 -5.19
CA PRO A 228 -15.81 2.81 -4.68
C PRO A 228 -17.09 2.92 -5.52
N VAL A 229 -17.45 4.12 -5.99
CA VAL A 229 -18.67 4.32 -6.84
C VAL A 229 -18.54 3.47 -8.11
N GLY A 230 -17.37 3.53 -8.76
CA GLY A 230 -17.03 2.76 -9.96
C GLY A 230 -17.04 1.25 -9.71
N VAL A 231 -16.61 0.80 -8.52
CA VAL A 231 -16.70 -0.64 -8.16
C VAL A 231 -18.18 -1.04 -8.15
N ILE A 232 -19.04 -0.25 -7.50
CA ILE A 232 -20.49 -0.56 -7.38
C ILE A 232 -21.07 -0.69 -8.79
N GLU A 233 -20.76 0.27 -9.65
CA GLU A 233 -21.19 0.30 -11.08
C GLU A 233 -20.79 -1.02 -11.76
N SER A 234 -19.49 -1.37 -11.66
CA SER A 234 -18.92 -2.62 -12.23
C SER A 234 -19.80 -3.78 -11.82
N PHE A 235 -20.10 -3.86 -10.52
CA PHE A 235 -20.85 -4.98 -9.90
C PHE A 235 -22.28 -5.01 -10.47
N ARG A 236 -22.92 -3.83 -10.53
CA ARG A 236 -24.31 -3.65 -11.03
C ARG A 236 -24.40 -4.20 -12.46
N LEU A 237 -23.44 -3.84 -13.33
CA LEU A 237 -23.37 -4.29 -14.75
C LEU A 237 -23.21 -5.81 -14.80
N ALA A 238 -22.33 -6.39 -13.98
CA ALA A 238 -22.04 -7.84 -13.95
C ALA A 238 -23.22 -8.63 -13.38
N LYS A 239 -23.92 -8.06 -12.39
CA LYS A 239 -24.96 -8.74 -11.58
C LYS A 239 -26.09 -9.27 -12.48
N ARG A 240 -26.34 -8.63 -13.62
CA ARG A 240 -27.32 -9.09 -14.65
C ARG A 240 -26.99 -10.52 -15.07
N HIS A 241 -25.70 -10.85 -15.19
CA HIS A 241 -25.21 -12.12 -15.78
C HIS A 241 -24.87 -13.15 -14.68
N VAL A 242 -24.63 -12.68 -13.45
CA VAL A 242 -24.18 -13.52 -12.32
C VAL A 242 -25.08 -13.19 -11.12
N PRO A 243 -26.39 -13.50 -11.22
CA PRO A 243 -27.37 -12.96 -10.27
C PRO A 243 -27.14 -13.40 -8.82
N ASP A 244 -26.39 -14.49 -8.61
CA ASP A 244 -26.08 -15.04 -7.26
CA ASP A 244 -26.10 -15.01 -7.23
C ASP A 244 -24.96 -14.20 -6.60
N ALA A 245 -24.22 -13.41 -7.39
CA ALA A 245 -23.01 -12.67 -6.92
C ALA A 245 -23.34 -11.58 -5.89
N GLN A 246 -22.45 -11.43 -4.90
CA GLN A 246 -22.52 -10.37 -3.87
C GLN A 246 -21.27 -9.49 -3.99
N LEU A 247 -21.40 -8.19 -3.66
CA LEU A 247 -20.27 -7.26 -3.52
C LEU A 247 -20.03 -6.96 -2.04
N VAL A 248 -18.79 -7.08 -1.59
CA VAL A 248 -18.34 -6.59 -0.26
C VAL A 248 -17.28 -5.52 -0.51
N TYR A 249 -17.55 -4.29 -0.06
CA TYR A 249 -16.55 -3.21 -0.01
C TYR A 249 -16.11 -3.10 1.44
N LEU A 250 -14.85 -3.46 1.71
CA LEU A 250 -14.30 -3.48 3.09
C LEU A 250 -13.38 -2.27 3.26
N GLY A 251 -13.91 -1.18 3.84
CA GLY A 251 -13.19 0.07 4.12
C GLY A 251 -12.76 0.21 5.57
N SER A 252 -11.76 1.07 5.81
CA SER A 252 -11.22 1.51 7.14
C SER A 252 -10.75 2.95 7.02
N PRO A 253 -10.74 3.75 8.13
CA PRO A 253 -10.27 5.14 8.09
C PRO A 253 -8.74 5.21 8.17
N ALA A 254 -8.16 6.39 7.87
CA ALA A 254 -6.70 6.65 7.88
C ALA A 254 -6.39 7.95 8.63
N THR A 255 -5.37 7.93 9.50
CA THR A 255 -4.91 9.02 10.40
C THR A 255 -4.61 10.29 9.59
N ASP A 256 -4.05 10.13 8.38
CA ASP A 256 -3.55 11.25 7.53
C ASP A 256 -4.57 11.56 6.42
N ASP A 257 -5.77 10.97 6.47
CA ASP A 257 -6.83 11.11 5.42
C ASP A 257 -8.10 11.64 6.09
N PRO A 258 -8.33 12.98 6.14
CA PRO A 258 -9.57 13.54 6.67
C PRO A 258 -10.73 13.51 5.65
N GLU A 259 -10.40 13.39 4.35
CA GLU A 259 -11.37 13.24 3.24
C GLU A 259 -11.81 11.78 3.17
N GLY A 260 -12.67 11.35 4.11
CA GLY A 260 -13.18 9.97 4.21
C GLY A 260 -14.65 9.94 4.62
N GLU A 261 -15.52 10.45 3.74
CA GLU A 261 -17.01 10.41 3.86
C GLU A 261 -17.59 11.47 2.92
N VAL A 262 -18.81 11.19 2.40
CA VAL A 262 -19.50 11.84 1.24
C VAL A 262 -19.37 10.83 0.08
N VAL A 263 -18.15 10.36 -0.18
CA VAL A 263 -17.87 9.20 -1.09
C VAL A 263 -18.66 7.99 -0.57
N TYR A 264 -18.62 7.74 0.75
CA TYR A 264 -19.42 6.68 1.42
C TYR A 264 -20.90 6.85 1.08
N ARG A 265 -21.41 8.10 1.17
CA ARG A 265 -22.82 8.45 0.86
C ARG A 265 -23.09 8.17 -0.63
N GLU A 266 -22.23 8.69 -1.52
CA GLU A 266 -22.29 8.44 -2.99
C GLU A 266 -22.29 6.93 -3.25
N THR A 267 -21.43 6.18 -2.53
CA THR A 267 -21.33 4.70 -2.61
C THR A 267 -22.68 4.10 -2.18
N VAL A 268 -23.20 4.53 -1.02
CA VAL A 268 -24.54 4.12 -0.49
C VAL A 268 -25.61 4.41 -1.55
N GLU A 269 -25.54 5.56 -2.23
CA GLU A 269 -26.50 5.96 -3.29
C GLU A 269 -26.39 5.00 -4.46
N ALA A 270 -25.19 4.85 -5.03
CA ALA A 270 -24.92 3.93 -6.16
C ALA A 270 -25.34 2.50 -5.78
N ALA A 271 -25.36 2.19 -4.48
CA ALA A 271 -25.71 0.86 -3.91
C ALA A 271 -27.23 0.70 -3.73
N ARG A 272 -27.95 1.81 -3.50
CA ARG A 272 -29.42 1.82 -3.26
C ARG A 272 -30.13 0.96 -4.31
N GLY A 273 -30.96 0.01 -3.85
CA GLY A 273 -31.75 -0.89 -4.71
C GLY A 273 -31.20 -2.31 -4.68
N GLU A 274 -29.87 -2.45 -4.62
CA GLU A 274 -29.18 -3.76 -4.61
C GLU A 274 -28.93 -4.18 -3.16
N LYS A 275 -29.51 -5.31 -2.74
CA LYS A 275 -29.43 -5.87 -1.36
C LYS A 275 -28.16 -6.73 -1.21
N ASP A 276 -27.52 -7.12 -2.32
CA ASP A 276 -26.31 -7.99 -2.30
C ASP A 276 -25.05 -7.12 -2.30
N VAL A 277 -25.19 -5.81 -2.10
CA VAL A 277 -24.04 -4.90 -1.83
C VAL A 277 -23.88 -4.77 -0.32
N HIS A 278 -22.66 -5.00 0.19
CA HIS A 278 -22.29 -4.80 1.62
C HIS A 278 -21.16 -3.78 1.70
N LEU A 279 -21.47 -2.57 2.18
CA LEU A 279 -20.48 -1.49 2.40
C LEU A 279 -20.05 -1.55 3.86
N LEU A 280 -18.95 -2.24 4.15
CA LEU A 280 -18.46 -2.44 5.53
C LEU A 280 -17.45 -1.32 5.85
N MET A 281 -17.36 -0.94 7.12
CA MET A 281 -16.35 0.02 7.64
C MET A 281 -15.82 -0.60 8.93
N LEU A 282 -14.55 -1.04 8.93
CA LEU A 282 -13.92 -1.77 10.06
C LEU A 282 -12.87 -0.87 10.70
N PRO A 283 -12.56 -1.05 12.01
CA PRO A 283 -11.44 -0.35 12.62
C PRO A 283 -10.14 -0.70 11.90
N PRO A 284 -9.12 0.18 11.92
CA PRO A 284 -7.79 -0.22 11.49
C PRO A 284 -7.36 -1.33 12.46
N ASN A 285 -6.43 -2.20 12.02
CA ASN A 285 -5.96 -3.37 12.81
C ASN A 285 -7.11 -4.37 12.99
N SER A 286 -8.06 -4.43 12.04
CA SER A 286 -9.00 -5.56 11.87
C SER A 286 -8.39 -6.53 10.84
N HIS A 287 -7.14 -6.92 11.05
CA HIS A 287 -6.31 -7.64 10.05
C HIS A 287 -6.88 -9.03 9.78
N VAL A 288 -7.30 -9.75 10.84
CA VAL A 288 -7.85 -11.14 10.69
C VAL A 288 -9.18 -11.06 9.94
N GLU A 289 -9.99 -10.01 10.16
CA GLU A 289 -11.29 -9.83 9.49
C GLU A 289 -11.02 -9.62 7.99
N VAL A 290 -10.00 -8.83 7.66
CA VAL A 290 -9.62 -8.60 6.22
C VAL A 290 -9.14 -9.93 5.62
N ASN A 291 -8.26 -10.64 6.34
CA ASN A 291 -7.78 -12.00 5.98
C ASN A 291 -8.98 -12.88 5.60
N ALA A 292 -9.93 -13.05 6.52
CA ALA A 292 -11.15 -13.89 6.37
C ALA A 292 -11.89 -13.53 5.08
N PHE A 293 -12.16 -12.24 4.85
CA PHE A 293 -12.94 -11.78 3.68
C PHE A 293 -12.16 -12.08 2.40
N GLN A 294 -10.84 -11.91 2.43
CA GLN A 294 -10.01 -12.17 1.22
C GLN A 294 -10.05 -13.68 0.90
N ARG A 295 -10.03 -14.55 1.92
CA ARG A 295 -10.09 -16.01 1.70
C ARG A 295 -11.48 -16.43 1.23
N ALA A 296 -12.51 -15.72 1.67
CA ALA A 296 -13.93 -16.00 1.36
C ALA A 296 -14.25 -15.58 -0.08
N ALA A 297 -13.49 -14.62 -0.61
CA ALA A 297 -13.75 -13.97 -1.91
C ALA A 297 -13.57 -14.97 -3.05
N THR A 298 -14.38 -14.83 -4.10
CA THR A 298 -14.21 -15.56 -5.38
C THR A 298 -13.30 -14.75 -6.31
N VAL A 299 -13.57 -13.45 -6.39
CA VAL A 299 -12.78 -12.51 -7.22
C VAL A 299 -12.50 -11.28 -6.34
N VAL A 300 -11.29 -10.76 -6.42
CA VAL A 300 -10.94 -9.49 -5.72
C VAL A 300 -10.77 -8.37 -6.75
N MET A 301 -11.23 -7.18 -6.39
CA MET A 301 -11.02 -5.94 -7.17
C MET A 301 -10.12 -4.99 -6.39
N GLN A 302 -9.27 -4.28 -7.12
CA GLN A 302 -8.60 -3.05 -6.64
C GLN A 302 -8.62 -2.08 -7.81
N LYS A 303 -9.79 -1.46 -8.05
CA LYS A 303 -10.04 -0.72 -9.31
C LYS A 303 -9.65 0.75 -9.10
N SER A 304 -8.42 0.99 -8.68
CA SER A 304 -7.90 2.33 -8.34
C SER A 304 -7.73 3.17 -9.61
N ILE A 305 -7.95 4.49 -9.48
CA ILE A 305 -7.68 5.52 -10.52
C ILE A 305 -6.18 5.85 -10.46
N LYS A 306 -5.63 5.90 -9.24
CA LYS A 306 -4.18 6.08 -9.01
C LYS A 306 -3.79 5.17 -7.85
N GLU A 307 -2.59 4.60 -7.90
CA GLU A 307 -2.12 3.67 -6.85
C GLU A 307 -0.60 3.54 -6.92
N GLY A 308 0.10 3.92 -5.85
CA GLY A 308 1.55 3.70 -5.72
C GLY A 308 1.89 2.23 -5.90
N PHE A 309 1.21 1.35 -5.17
CA PHE A 309 1.39 -0.12 -5.27
C PHE A 309 0.05 -0.84 -5.10
N GLY A 310 -0.52 -0.78 -3.89
CA GLY A 310 -1.77 -1.48 -3.59
C GLY A 310 -1.50 -2.82 -2.95
N LEU A 311 -1.20 -2.81 -1.66
CA LEU A 311 -0.82 -4.04 -0.92
C LEU A 311 -1.98 -5.04 -0.97
N THR A 312 -3.21 -4.55 -1.08
CA THR A 312 -4.44 -5.35 -1.13
C THR A 312 -4.38 -6.29 -2.32
N VAL A 313 -3.67 -5.92 -3.38
CA VAL A 313 -3.53 -6.80 -4.56
C VAL A 313 -2.70 -8.04 -4.18
N SER A 314 -1.46 -7.85 -3.71
CA SER A 314 -0.57 -8.99 -3.37
C SER A 314 -1.23 -9.85 -2.28
N GLU A 315 -1.95 -9.23 -1.35
CA GLU A 315 -2.65 -9.93 -0.25
C GLU A 315 -3.65 -10.91 -0.87
N ALA A 316 -4.40 -10.48 -1.88
CA ALA A 316 -5.39 -11.33 -2.58
C ALA A 316 -4.68 -12.40 -3.41
N LEU A 317 -3.65 -12.03 -4.19
CA LEU A 317 -2.93 -12.98 -5.08
C LEU A 317 -2.32 -14.09 -4.21
N TRP A 318 -1.74 -13.73 -3.07
CA TRP A 318 -1.12 -14.71 -2.13
C TRP A 318 -2.13 -15.77 -1.70
N LYS A 319 -3.40 -15.38 -1.54
CA LYS A 319 -4.51 -16.27 -1.09
C LYS A 319 -5.16 -16.94 -2.30
N ARG A 320 -4.50 -16.85 -3.46
CA ARG A 320 -4.89 -17.53 -4.72
C ARG A 320 -6.21 -16.94 -5.22
N LYS A 321 -6.43 -15.63 -5.06
CA LYS A 321 -7.58 -14.93 -5.65
C LYS A 321 -7.14 -14.18 -6.90
N PRO A 322 -7.86 -14.33 -8.04
CA PRO A 322 -7.62 -13.46 -9.18
C PRO A 322 -8.02 -12.02 -8.80
N VAL A 323 -7.32 -11.04 -9.36
CA VAL A 323 -7.56 -9.60 -9.07
C VAL A 323 -7.89 -8.85 -10.37
N ILE A 324 -8.99 -8.12 -10.34
CA ILE A 324 -9.29 -7.08 -11.36
C ILE A 324 -8.78 -5.75 -10.82
N GLY A 325 -7.73 -5.21 -11.45
CA GLY A 325 -7.02 -4.03 -10.92
C GLY A 325 -7.08 -2.87 -11.88
N GLY A 326 -7.14 -1.67 -11.33
CA GLY A 326 -6.97 -0.41 -12.09
C GLY A 326 -5.68 -0.42 -12.87
N ASN A 327 -5.74 -0.09 -14.17
CA ASN A 327 -4.55 -0.04 -15.03
C ASN A 327 -3.70 1.19 -14.69
N THR A 328 -3.04 1.23 -13.54
CA THR A 328 -2.33 2.44 -13.08
C THR A 328 -1.24 2.05 -12.08
N GLY A 329 -0.15 2.83 -12.05
CA GLY A 329 0.89 2.76 -11.02
C GLY A 329 1.36 1.34 -10.76
N GLY A 330 1.51 0.98 -9.47
CA GLY A 330 2.13 -0.29 -9.04
C GLY A 330 1.18 -1.45 -9.14
N ILE A 331 -0.09 -1.23 -9.48
CA ILE A 331 -1.03 -2.35 -9.70
C ILE A 331 -0.51 -3.13 -10.91
N ARG A 332 0.09 -2.44 -11.88
CA ARG A 332 0.54 -3.05 -13.15
C ARG A 332 1.69 -4.04 -12.95
N ILE A 333 2.48 -3.98 -11.86
CA ILE A 333 3.57 -4.98 -11.68
C ILE A 333 3.05 -6.20 -10.90
N GLN A 334 1.87 -6.12 -10.27
CA GLN A 334 1.28 -7.25 -9.54
C GLN A 334 0.28 -8.02 -10.40
N VAL A 335 -0.55 -7.28 -11.14
CA VAL A 335 -1.60 -7.84 -12.02
C VAL A 335 -1.00 -7.94 -13.44
N ILE A 336 -0.55 -9.15 -13.78
CA ILE A 336 -0.06 -9.50 -15.13
C ILE A 336 -1.29 -9.91 -15.95
N ASN A 337 -1.64 -9.12 -16.94
CA ASN A 337 -2.95 -9.18 -17.62
C ASN A 337 -3.17 -10.59 -18.18
N GLY A 338 -4.24 -11.26 -17.77
CA GLY A 338 -4.58 -12.63 -18.22
C GLY A 338 -3.81 -13.71 -17.50
N VAL A 339 -2.88 -13.36 -16.60
CA VAL A 339 -2.03 -14.36 -15.89
C VAL A 339 -2.38 -14.37 -14.39
N THR A 340 -2.25 -13.23 -13.71
CA THR A 340 -2.57 -13.13 -12.25
C THR A 340 -3.87 -12.36 -12.04
N GLY A 341 -4.42 -11.76 -13.10
CA GLY A 341 -5.64 -10.96 -13.01
C GLY A 341 -5.86 -10.22 -14.31
N PHE A 342 -6.66 -9.17 -14.27
CA PHE A 342 -6.93 -8.33 -15.47
C PHE A 342 -6.82 -6.87 -15.05
N LEU A 343 -6.19 -6.07 -15.92
CA LEU A 343 -6.06 -4.61 -15.78
C LEU A 343 -7.19 -3.93 -16.55
N VAL A 344 -7.80 -2.90 -15.96
CA VAL A 344 -9.02 -2.26 -16.54
C VAL A 344 -8.88 -0.73 -16.49
N ASP A 345 -9.46 -0.05 -17.48
CA ASP A 345 -9.48 1.44 -17.62
C ASP A 345 -10.87 2.00 -17.32
N SER A 346 -11.87 1.16 -17.01
CA SER A 346 -13.27 1.61 -16.76
C SER A 346 -14.04 0.57 -15.96
N PRO A 347 -15.11 0.99 -15.25
CA PRO A 347 -16.05 0.05 -14.64
C PRO A 347 -16.67 -0.94 -15.63
N LYS A 348 -16.91 -0.53 -16.88
CA LYS A 348 -17.53 -1.43 -17.88
C LYS A 348 -16.57 -2.59 -18.17
N ALA A 349 -15.28 -2.30 -18.34
CA ALA A 349 -14.24 -3.33 -18.57
C ALA A 349 -14.18 -4.25 -17.35
N ALA A 350 -14.21 -3.68 -16.15
CA ALA A 350 -14.18 -4.47 -14.89
C ALA A 350 -15.36 -5.46 -14.89
N ALA A 351 -16.54 -5.01 -15.30
CA ALA A 351 -17.77 -5.83 -15.34
C ALA A 351 -17.55 -7.03 -16.28
N TYR A 352 -17.00 -6.81 -17.48
CA TYR A 352 -16.73 -7.90 -18.47
C TYR A 352 -15.88 -8.99 -17.80
N TYR A 353 -14.80 -8.61 -17.14
CA TYR A 353 -13.86 -9.57 -16.50
C TYR A 353 -14.47 -10.20 -15.24
N LEU A 354 -15.32 -9.48 -14.50
CA LEU A 354 -16.06 -10.06 -13.35
C LEU A 354 -16.86 -11.26 -13.87
N VAL A 355 -17.65 -11.06 -14.92
CA VAL A 355 -18.50 -12.15 -15.48
C VAL A 355 -17.60 -13.29 -15.99
N TYR A 356 -16.56 -12.96 -16.75
CA TYR A 356 -15.60 -13.97 -17.29
C TYR A 356 -15.07 -14.84 -16.15
N LEU A 357 -14.49 -14.23 -15.13
CA LEU A 357 -13.86 -14.98 -14.01
C LEU A 357 -14.92 -15.80 -13.27
N LEU A 358 -16.12 -15.27 -13.08
CA LEU A 358 -17.16 -15.99 -12.30
C LEU A 358 -17.69 -17.18 -13.11
N LYS A 359 -17.56 -17.15 -14.44
CA LYS A 359 -18.05 -18.23 -15.33
C LYS A 359 -16.95 -19.27 -15.60
N ASN A 360 -15.69 -19.00 -15.22
CA ASN A 360 -14.53 -19.81 -15.66
C ASN A 360 -13.73 -20.27 -14.43
N LYS A 361 -14.20 -21.32 -13.76
CA LYS A 361 -13.64 -21.80 -12.45
C LYS A 361 -12.19 -22.24 -12.63
N LYS A 362 -11.90 -23.10 -13.59
CA LYS A 362 -10.52 -23.62 -13.82
C LYS A 362 -9.59 -22.42 -14.10
N VAL A 363 -10.00 -21.46 -14.93
CA VAL A 363 -9.19 -20.25 -15.25
C VAL A 363 -8.94 -19.45 -13.97
N ARG A 364 -9.98 -19.20 -13.17
CA ARG A 364 -9.87 -18.51 -11.85
C ARG A 364 -8.82 -19.20 -10.98
N GLU A 365 -8.94 -20.52 -10.85
CA GLU A 365 -8.05 -21.33 -9.97
C GLU A 365 -6.61 -21.25 -10.47
N GLU A 366 -6.39 -21.34 -11.78
CA GLU A 366 -5.05 -21.27 -12.40
C GLU A 366 -4.44 -19.89 -12.11
N MET A 367 -5.26 -18.85 -12.31
CA MET A 367 -4.86 -17.44 -12.12
C MET A 367 -4.45 -17.27 -10.66
N GLY A 368 -5.20 -17.87 -9.73
CA GLY A 368 -4.90 -17.83 -8.28
C GLY A 368 -3.54 -18.44 -7.98
N GLU A 369 -3.24 -19.62 -8.52
CA GLU A 369 -1.93 -20.31 -8.36
C GLU A 369 -0.81 -19.41 -8.94
N ALA A 370 -1.01 -18.82 -10.11
CA ALA A 370 -0.02 -17.93 -10.77
C ALA A 370 0.18 -16.66 -9.91
N GLY A 371 -0.92 -16.12 -9.34
CA GLY A 371 -0.89 -14.97 -8.40
C GLY A 371 -0.02 -15.26 -7.20
N ARG A 372 -0.25 -16.39 -6.53
CA ARG A 372 0.51 -16.73 -5.30
C ARG A 372 2.00 -16.85 -5.66
N ASP A 373 2.31 -17.55 -6.76
CA ASP A 373 3.73 -17.76 -7.17
C ASP A 373 4.36 -16.41 -7.52
N HIS A 374 3.63 -15.51 -8.17
CA HIS A 374 4.14 -14.16 -8.55
C HIS A 374 4.49 -13.37 -7.29
N VAL A 375 3.65 -13.46 -6.26
CA VAL A 375 3.92 -12.78 -4.96
C VAL A 375 5.11 -13.48 -4.27
N ARG A 376 5.15 -14.82 -4.29
CA ARG A 376 6.24 -15.56 -3.60
C ARG A 376 7.58 -15.09 -4.19
N ARG A 377 7.63 -14.84 -5.49
CA ARG A 377 8.90 -14.51 -6.20
C ARG A 377 9.26 -13.02 -6.09
N ASN A 378 8.32 -12.13 -5.72
CA ASN A 378 8.52 -10.66 -5.90
C ASN A 378 8.13 -9.80 -4.68
N PHE A 379 7.11 -10.17 -3.92
CA PHE A 379 6.40 -9.22 -3.02
C PHE A 379 6.26 -9.79 -1.61
N LEU A 380 7.22 -10.60 -1.15
CA LEU A 380 7.27 -11.06 0.25
C LEU A 380 8.30 -10.23 1.02
N ILE A 381 8.10 -10.12 2.33
CA ILE A 381 8.78 -9.14 3.21
C ILE A 381 10.30 -9.37 3.21
N THR A 382 10.76 -10.61 3.02
CA THR A 382 12.21 -10.95 3.01
C THR A 382 12.88 -10.30 1.80
N GLN A 383 12.20 -10.26 0.65
CA GLN A 383 12.77 -9.58 -0.54
C GLN A 383 12.89 -8.08 -0.25
N GLN A 384 11.84 -7.43 0.27
CA GLN A 384 11.87 -5.98 0.60
C GLN A 384 12.97 -5.73 1.62
N LEU A 385 13.03 -6.56 2.66
CA LEU A 385 14.07 -6.42 3.71
C LEU A 385 15.47 -6.54 3.07
N ARG A 386 15.73 -7.56 2.26
CA ARG A 386 17.05 -7.78 1.63
C ARG A 386 17.40 -6.54 0.80
N ARG A 387 16.46 -6.05 0.00
CA ARG A 387 16.74 -4.92 -0.92
C ARG A 387 16.94 -3.62 -0.12
N TYR A 388 16.25 -3.43 1.00
CA TYR A 388 16.46 -2.24 1.87
C TYR A 388 17.88 -2.29 2.46
N LEU A 389 18.31 -3.45 2.94
CA LEU A 389 19.67 -3.60 3.54
C LEU A 389 20.71 -3.26 2.46
N MET A 390 20.50 -3.73 1.24
CA MET A 390 21.43 -3.44 0.12
C MET A 390 21.44 -1.93 -0.18
N ALA A 391 20.28 -1.27 -0.22
CA ALA A 391 20.19 0.18 -0.49
C ALA A 391 20.94 0.95 0.59
N ILE A 392 20.80 0.53 1.85
CA ILE A 392 21.47 1.23 2.98
C ILE A 392 22.98 1.10 2.82
N LEU A 393 23.46 -0.11 2.53
CA LEU A 393 24.91 -0.39 2.38
C LEU A 393 25.43 0.46 1.21
N TYR A 394 24.70 0.46 0.11
CA TYR A 394 25.03 1.24 -1.11
C TYR A 394 25.11 2.75 -0.80
N LEU A 395 24.07 3.32 -0.17
CA LEU A 395 23.95 4.79 -0.02
C LEU A 395 24.84 5.28 1.12
N THR A 396 24.99 4.50 2.20
CA THR A 396 25.86 4.92 3.34
C THR A 396 27.31 4.99 2.84
N LYS A 397 27.73 4.06 1.98
CA LYS A 397 29.10 4.05 1.43
C LYS A 397 29.30 5.23 0.48
N ARG A 398 28.24 5.65 -0.24
CA ARG A 398 28.27 6.88 -1.08
C ARG A 398 28.32 8.13 -0.21
N HIS A 399 27.58 8.16 0.90
CA HIS A 399 27.51 9.32 1.82
C HIS A 399 28.88 9.55 2.46
N ALA A 400 29.51 8.48 2.98
CA ALA A 400 30.83 8.49 3.62
C ALA A 400 31.93 8.33 2.56
S SCN B . 11.43 23.97 -0.31
C SCN B . 13.00 24.04 -0.21
N SCN B . 14.17 23.91 -0.14
C1 PEG C . 18.29 -7.08 -6.20
C1 PEG C . 18.42 -7.18 -6.38
O1 PEG C . 19.18 -8.08 -5.72
O1 PEG C . 17.03 -7.33 -6.32
C2 PEG C . 18.92 -5.72 -6.24
C2 PEG C . 18.84 -5.74 -6.48
O2 PEG C . 18.30 -4.86 -5.29
O2 PEG C . 18.34 -5.02 -5.36
C3 PEG C . 18.99 -3.63 -5.14
C3 PEG C . 19.00 -3.77 -5.18
C4 PEG C . 18.28 -2.78 -4.12
C4 PEG C . 18.26 -2.93 -4.20
O4 PEG C . 19.08 -1.68 -3.72
O4 PEG C . 19.01 -1.81 -3.78
H11 PEG C . 17.50 -7.04 -5.63
H11 PEG C . 18.77 -7.66 -7.16
H12 PEG C . 18.00 -7.32 -7.10
H12 PEG C . 18.83 -7.58 -5.58
HO1 PEG C . 18.65 -8.66 -5.75
HO1 PEG C . 17.01 -8.47 -6.27
H21 PEG C . 18.84 -5.34 -7.14
H21 PEG C . 18.50 -5.36 -7.31
H22 PEG C . 19.88 -5.80 -6.03
H22 PEG C . 19.82 -5.69 -6.50
H31 PEG C . 19.02 -3.16 -5.99
H31 PEG C . 19.06 -3.30 -6.04
H32 PEG C . 19.91 -3.80 -4.84
H32 PEG C . 19.91 -3.93 -4.86
H41 PEG C . 18.06 -3.33 -3.34
H41 PEG C . 18.05 -3.48 -3.41
H42 PEG C . 17.46 -2.44 -4.51
H42 PEG C . 17.42 -2.63 -4.60
HO4 PEG C . 19.70 -1.97 -3.22
HO4 PEG C . 19.73 -2.07 -3.44
C1 PEG D . 25.39 -3.12 -1.60
O1 PEG D . 26.56 -2.34 -1.80
C2 PEG D . 24.69 -3.43 -2.88
O2 PEG D . 23.98 -2.29 -3.33
C3 PEG D . 23.15 -2.55 -4.45
C4 PEG D . 22.65 -1.26 -5.01
O4 PEG D . 21.37 -0.94 -4.52
H11 PEG D . 24.78 -2.63 -1.01
H12 PEG D . 25.64 -3.96 -1.16
HO1 PEG D . 26.87 -2.15 -1.00
H21 PEG D . 24.07 -4.18 -2.75
H22 PEG D . 25.35 -3.71 -3.56
H31 PEG D . 22.39 -3.11 -4.17
H32 PEG D . 23.66 -3.03 -5.14
H41 PEG D . 22.61 -1.33 -5.98
H42 PEG D . 23.27 -0.54 -4.78
HO4 PEG D . 21.44 -0.44 -3.84
C1 PEG E . -17.95 -14.40 -19.90
O1 PEG E . -18.28 -15.77 -19.93
C2 PEG E . -16.83 -14.09 -20.83
O2 PEG E . -16.21 -12.83 -20.56
C3 PEG E . -15.55 -12.27 -21.69
C4 PEG E . -14.20 -11.69 -21.31
O4 PEG E . -14.24 -10.30 -21.06
H11 PEG E . -17.70 -14.14 -18.99
H12 PEG E . -18.73 -13.88 -20.15
HO1 PEG E . -18.82 -15.83 -19.37
H21 PEG E . -17.18 -14.08 -21.73
H22 PEG E . -16.16 -14.81 -20.78
H31 PEG E . -16.11 -11.55 -22.05
H32 PEG E . -15.42 -12.94 -22.37
H41 PEG E . -13.57 -11.86 -22.04
H42 PEG E . -13.86 -12.15 -20.51
HO4 PEG E . -14.37 -10.17 -20.23
S SCN F . -5.35 -2.81 -20.59
C SCN F . -3.84 -3.21 -20.54
N SCN F . -2.72 -3.50 -20.60
S SCN G . -2.22 -18.97 2.58
C SCN G . -2.77 -20.41 2.90
N SCN G . -3.32 -21.42 3.13
S SCN H . 4.83 2.15 17.19
C SCN H . 5.57 3.50 16.86
N SCN H . 6.19 4.49 16.75
C1 GLC I . 0.75 4.28 0.01
C2 GLC I . 0.24 4.08 -1.40
C3 GLC I . -0.22 2.65 -1.67
C4 GLC I . 0.85 1.68 -1.23
C5 GLC I . 1.28 1.90 0.22
C6 GLC I . 2.51 1.06 0.59
O2 GLC I . -0.82 5.01 -1.64
O3 GLC I . -0.42 2.53 -3.10
O4 GLC I . 0.46 0.33 -1.36
O5 GLC I . 1.65 3.26 0.42
O6 GLC I . 3.62 1.42 -0.26
H1 GLC I . 1.29 5.24 0.04
H2 GLC I . 1.06 4.30 -2.09
H3 GLC I . -1.15 2.45 -1.12
H4 GLC I . 1.71 1.85 -1.88
H5 GLC I . 0.45 1.63 0.88
H61 GLC I . 2.28 0.00 0.48
H62 GLC I . 2.77 1.25 1.64
HO2 GLC I . -0.54 5.91 -1.46
HO3 GLC I . -1.08 3.17 -3.38
HO4 GLC I . 0.16 0.15 -2.25
HO6 GLC I . 3.35 2.11 -0.91
C1 GIV J . -0.49 4.69 2.23
C2 GIV J . -1.81 4.50 2.95
C3 GIV J . -1.86 5.23 4.30
C4 GIV J . -1.34 6.66 4.19
C5 GIV J . -0.05 6.76 3.38
C6 GIV J . 0.30 8.19 3.01
O1 GIV J . -0.61 4.17 0.92
O3 GIV J . -3.23 5.23 4.74
O4 GIV J . -2.34 7.46 3.57
O5 GIV J . -0.15 6.06 2.11
O6 GIV J . 1.65 8.50 3.34
O2 GIV J . -2.09 3.11 3.12
H1 GIV J . 0.22 4.20 2.71
H2 GIV J . -2.52 4.89 2.37
HO1 GIV J . -1.39 3.89 0.77
H3 GIV J . -1.31 4.74 4.95
HO2 GIV J . -2.24 2.91 3.93
H4 GIV J . -1.18 7.00 5.10
HO3 GIV J . -3.51 5.99 4.83
H5 GIV J . 0.70 6.37 3.90
HO4 GIV J . -2.98 7.56 4.10
H61 GIV J . 0.18 8.31 2.04
H62 GIV J . -0.30 8.81 3.48
HO6 GIV J . 1.67 9.36 2.92
#